data_3GQ1
#
_entry.id   3GQ1
#
_cell.length_a   33.533
_cell.length_b   53.905
_cell.length_c   45.039
_cell.angle_alpha   90.00
_cell.angle_beta   110.33
_cell.angle_gamma   90.00
#
_symmetry.space_group_name_H-M   'P 1 21 1'
#
loop_
_entity.id
_entity.type
_entity.pdbx_description
1 polymer 'ATP-dependent Clp protease adapter protein clpS'
2 polymer 'WLFVQRDSKE peptide'
3 non-polymer 'MAGNESIUM ION'
4 water water
#
loop_
_entity_poly.entity_id
_entity_poly.type
_entity_poly.pdbx_seq_one_letter_code
_entity_poly.pdbx_strand_id
1 'polypeptide(L)'
;TQKPSLYRVLILNDDYTPMEFVVYVLERFFNKSREDATRIMLHVHQNGVGVCGVYTYEVAETKVAQVIDSARRHQHPLQC
TMEKD
;
A,B
2 'polypeptide(L)' WLFVQRDSKE C,D
#
# COMPACT_ATOMS: atom_id res chain seq x y z
N THR A 1 -0.42 -26.07 -17.44
CA THR A 1 0.33 -25.81 -16.21
C THR A 1 -0.43 -24.82 -15.32
N GLN A 2 -0.59 -25.16 -14.05
CA GLN A 2 -1.14 -24.22 -13.06
C GLN A 2 -0.09 -23.23 -12.64
N LYS A 3 -0.24 -21.96 -13.05
CA LYS A 3 0.72 -20.94 -12.66
C LYS A 3 0.51 -20.44 -11.24
N PRO A 4 1.57 -19.86 -10.64
CA PRO A 4 1.43 -19.39 -9.25
C PRO A 4 0.34 -18.33 -9.16
N SER A 5 -0.40 -18.30 -8.08
CA SER A 5 -1.41 -17.24 -7.88
C SER A 5 -1.49 -16.79 -6.42
N LEU A 6 -0.44 -16.13 -5.96
CA LEU A 6 -0.24 -15.83 -4.57
C LEU A 6 -0.62 -14.38 -4.30
N TYR A 7 -0.77 -14.07 -3.03
CA TYR A 7 -1.34 -12.82 -2.55
C TYR A 7 -0.46 -12.28 -1.45
N ARG A 8 -0.07 -11.02 -1.60
CA ARG A 8 0.72 -10.33 -0.61
C ARG A 8 -0.21 -9.67 0.40
N VAL A 9 0.17 -9.79 1.66
CA VAL A 9 -0.52 -9.12 2.75
C VAL A 9 0.22 -7.82 3.06
N LEU A 10 -0.53 -6.72 3.15
CA LEU A 10 0.00 -5.39 3.37
C LEU A 10 -0.49 -4.83 4.69
N ILE A 11 0.34 -4.02 5.34
CA ILE A 11 -0.16 -3.11 6.36
C ILE A 11 0.06 -1.68 5.87
N LEU A 12 -0.86 -0.80 6.27
CA LEU A 12 -0.85 0.61 5.90
C LEU A 12 -0.49 1.42 7.12
N ASN A 13 0.26 2.47 6.91
CA ASN A 13 0.60 3.37 8.00
C ASN A 13 -0.62 4.15 8.50
N ASP A 14 -0.59 4.49 9.79
CA ASP A 14 -1.51 5.43 10.38
C ASP A 14 -0.79 6.15 11.50
N ASP A 15 -1.40 7.18 12.05
CA ASP A 15 -0.74 8.00 13.07
C ASP A 15 -1.08 7.62 14.51
N TYR A 16 -1.73 6.47 14.71
CA TYR A 16 -2.25 6.06 16.01
C TYR A 16 -1.62 4.78 16.57
N THR A 17 -1.40 3.81 15.70
CA THR A 17 -0.93 2.51 16.15
C THR A 17 0.51 2.63 16.62
N PRO A 18 0.85 2.12 17.82
CA PRO A 18 2.24 2.24 18.26
C PRO A 18 3.20 1.42 17.43
N MET A 19 4.40 1.94 17.22
CA MET A 19 5.45 1.21 16.55
C MET A 19 5.66 -0.18 17.15
N GLU A 20 5.65 -0.29 18.48
CA GLU A 20 5.90 -1.57 19.14
C GLU A 20 4.82 -2.59 18.81
N PHE A 21 3.59 -2.12 18.62
CA PHE A 21 2.51 -3.03 18.30
C PHE A 21 2.68 -3.58 16.88
N VAL A 22 3.12 -2.73 15.97
CA VAL A 22 3.41 -3.18 14.60
C VAL A 22 4.52 -4.22 14.59
N VAL A 23 5.59 -4.00 15.33
CA VAL A 23 6.65 -4.99 15.44
C VAL A 23 6.08 -6.29 16.00
N TYR A 24 5.23 -6.21 17.02
CA TYR A 24 4.56 -7.41 17.58
C TYR A 24 3.77 -8.17 16.48
N VAL A 25 2.94 -7.43 15.76
CA VAL A 25 2.15 -8.03 14.68
C VAL A 25 3.05 -8.78 13.71
N LEU A 26 4.16 -8.17 13.32
CA LEU A 26 5.02 -8.76 12.30
C LEU A 26 5.69 -10.01 12.84
N GLU A 27 6.13 -9.98 14.10
CA GLU A 27 6.75 -11.14 14.73
C GLU A 27 5.75 -12.27 14.87
N ARG A 28 4.56 -11.94 15.36
CA ARG A 28 3.59 -12.97 15.72
C ARG A 28 2.87 -13.57 14.52
N PHE A 29 2.33 -12.73 13.67
CA PHE A 29 1.52 -13.22 12.59
C PHE A 29 2.26 -13.47 11.30
N PHE A 30 3.47 -12.95 11.17
CA PHE A 30 4.24 -13.14 9.93
C PHE A 30 5.62 -13.76 10.16
N ASN A 31 5.85 -14.23 11.40
CA ASN A 31 7.06 -14.95 11.77
C ASN A 31 8.33 -14.18 11.45
N LYS A 32 8.28 -12.86 11.60
CA LYS A 32 9.47 -12.04 11.34
C LYS A 32 10.35 -11.98 12.57
N SER A 33 11.65 -11.99 12.34
CA SER A 33 12.59 -11.79 13.43
C SER A 33 12.41 -10.37 13.96
N ARG A 34 12.91 -10.10 15.17
CA ARG A 34 12.78 -8.75 15.72
C ARG A 34 13.38 -7.71 14.77
N GLU A 35 14.54 -7.97 14.22
CA GLU A 35 15.15 -7.03 13.29
C GLU A 35 14.34 -6.83 12.00
N ASP A 36 13.87 -7.93 11.40
CA ASP A 36 13.13 -7.86 10.14
C ASP A 36 11.78 -7.17 10.43
N ALA A 37 11.17 -7.44 11.58
CA ALA A 37 9.92 -6.76 11.93
C ALA A 37 10.12 -5.26 12.07
N THR A 38 11.20 -4.90 12.75
CA THR A 38 11.56 -3.49 12.91
C THR A 38 11.79 -2.83 11.52
N ARG A 39 12.49 -3.52 10.64
CA ARG A 39 12.76 -3.03 9.30
C ARG A 39 11.45 -2.71 8.54
N ILE A 40 10.53 -3.66 8.55
CA ILE A 40 9.29 -3.47 7.82
C ILE A 40 8.46 -2.36 8.49
N MET A 41 8.40 -2.38 9.82
CA MET A 41 7.73 -1.32 10.57
C MET A 41 8.21 0.08 10.13
N LEU A 42 9.52 0.26 10.06
CA LEU A 42 10.08 1.57 9.70
C LEU A 42 9.76 1.89 8.27
N HIS A 43 9.82 0.90 7.38
CA HIS A 43 9.49 1.13 5.98
C HIS A 43 8.05 1.65 5.84
N VAL A 44 7.12 1.05 6.57
CA VAL A 44 5.73 1.43 6.48
C VAL A 44 5.57 2.86 7.03
N HIS A 45 6.24 3.16 8.12
CA HIS A 45 6.18 4.48 8.74
C HIS A 45 6.60 5.54 7.73
N GLN A 46 7.65 5.26 7.00
CA GLN A 46 8.21 6.26 6.06
C GLN A 46 7.48 6.31 4.72
N ASN A 47 6.98 5.18 4.26
CA ASN A 47 6.47 5.10 2.87
C ASN A 47 4.99 4.85 2.72
N GLY A 48 4.32 4.51 3.81
CA GLY A 48 2.87 4.38 3.86
C GLY A 48 2.26 2.99 3.80
N VAL A 49 3.05 2.04 3.34
CA VAL A 49 2.59 0.69 3.11
C VAL A 49 3.80 -0.24 3.13
N GLY A 50 3.59 -1.50 3.49
CA GLY A 50 4.62 -2.49 3.38
C GLY A 50 4.10 -3.89 3.31
N VAL A 51 4.96 -4.76 2.76
CA VAL A 51 4.63 -6.17 2.55
C VAL A 51 5.02 -7.01 3.77
N CYS A 52 4.01 -7.71 4.29
CA CYS A 52 4.14 -8.57 5.47
C CYS A 52 4.49 -10.03 5.14
N GLY A 53 3.97 -10.53 4.01
CA GLY A 53 4.23 -11.87 3.55
C GLY A 53 3.43 -12.15 2.30
N VAL A 54 3.67 -13.31 1.69
CA VAL A 54 3.00 -13.74 0.47
C VAL A 54 2.51 -15.16 0.68
N TYR A 55 1.23 -15.38 0.40
CA TYR A 55 0.57 -16.64 0.77
C TYR A 55 -0.45 -17.01 -0.30
N THR A 56 -0.95 -18.23 -0.24
CA THR A 56 -2.13 -18.57 -1.01
C THR A 56 -3.30 -17.68 -0.54
N TYR A 57 -4.31 -17.53 -1.38
CA TYR A 57 -5.39 -16.59 -1.11
C TYR A 57 -6.05 -16.79 0.25
N GLU A 58 -6.43 -18.02 0.58
CA GLU A 58 -7.14 -18.31 1.82
CA GLU A 58 -7.16 -18.26 1.81
C GLU A 58 -6.28 -18.04 3.06
N VAL A 59 -4.98 -18.32 2.93
CA VAL A 59 -4.03 -18.07 4.02
C VAL A 59 -3.83 -16.54 4.18
N ALA A 60 -3.70 -15.82 3.07
CA ALA A 60 -3.62 -14.36 3.14
C ALA A 60 -4.88 -13.81 3.83
N GLU A 61 -6.07 -14.29 3.46
CA GLU A 61 -7.29 -13.83 4.11
C GLU A 61 -7.24 -14.09 5.60
N THR A 62 -6.68 -15.22 6.00
CA THR A 62 -6.60 -15.61 7.41
C THR A 62 -5.68 -14.65 8.16
N LYS A 63 -4.51 -14.37 7.59
CA LYS A 63 -3.56 -13.44 8.22
C LYS A 63 -4.15 -12.03 8.34
N VAL A 64 -4.79 -11.53 7.27
CA VAL A 64 -5.43 -10.21 7.33
C VAL A 64 -6.44 -10.18 8.51
N ALA A 65 -7.28 -11.21 8.62
CA ALA A 65 -8.28 -11.29 9.68
C ALA A 65 -7.65 -11.33 11.06
N GLN A 66 -6.62 -12.14 11.23
CA GLN A 66 -5.94 -12.24 12.52
C GLN A 66 -5.33 -10.90 12.93
N VAL A 67 -4.78 -10.17 11.97
CA VAL A 67 -4.18 -8.88 12.28
C VAL A 67 -5.26 -7.87 12.69
N ILE A 68 -6.38 -7.83 11.95
CA ILE A 68 -7.41 -6.86 12.26
CA ILE A 68 -7.46 -6.90 12.23
C ILE A 68 -8.02 -7.20 13.63
N ASP A 69 -8.29 -8.48 13.88
CA ASP A 69 -8.82 -8.94 15.17
C ASP A 69 -7.88 -8.47 16.31
N SER A 70 -6.61 -8.79 16.18
CA SER A 70 -5.65 -8.40 17.20
C SER A 70 -5.59 -6.90 17.37
N ALA A 71 -5.49 -6.18 16.26
CA ALA A 71 -5.39 -4.73 16.35
C ALA A 71 -6.59 -4.12 17.05
N ARG A 72 -7.80 -4.46 16.65
CA ARG A 72 -8.97 -3.80 17.24
C ARG A 72 -9.14 -4.17 18.70
N ARG A 73 -8.82 -5.40 19.08
CA ARG A 73 -8.92 -5.79 20.47
C ARG A 73 -7.90 -5.05 21.33
N HIS A 74 -6.77 -4.68 20.72
CA HIS A 74 -5.76 -3.83 21.38
C HIS A 74 -6.03 -2.32 21.16
N GLN A 75 -7.24 -1.95 20.73
CA GLN A 75 -7.58 -0.54 20.61
CA GLN A 75 -7.65 -0.57 20.52
C GLN A 75 -6.74 0.20 19.57
N HIS A 76 -6.36 -0.46 18.48
CA HIS A 76 -5.56 0.17 17.42
C HIS A 76 -6.27 0.05 16.08
N PRO A 77 -6.22 1.12 15.28
CA PRO A 77 -6.93 1.15 13.99
C PRO A 77 -6.14 0.54 12.83
N LEU A 78 -5.01 -0.11 13.13
CA LEU A 78 -4.15 -0.67 12.09
C LEU A 78 -4.92 -1.35 10.98
N GLN A 79 -4.62 -0.91 9.77
CA GLN A 79 -5.23 -1.43 8.54
C GLN A 79 -4.35 -2.47 7.89
N CYS A 80 -4.95 -3.60 7.55
CA CYS A 80 -4.26 -4.71 6.91
C CYS A 80 -5.12 -5.16 5.75
N THR A 81 -4.47 -5.36 4.62
CA THR A 81 -5.19 -5.71 3.40
C THR A 81 -4.35 -6.66 2.56
N MET A 82 -4.88 -7.08 1.42
CA MET A 82 -4.15 -8.01 0.58
C MET A 82 -4.36 -7.63 -0.89
N GLU A 83 -3.42 -8.04 -1.72
CA GLU A 83 -3.54 -7.81 -3.16
CA GLU A 83 -3.41 -7.73 -3.16
C GLU A 83 -2.75 -8.90 -3.88
N LYS A 84 -3.13 -9.17 -5.12
CA LYS A 84 -2.42 -10.14 -5.93
C LYS A 84 -0.92 -9.82 -5.94
N ASP A 85 -0.09 -10.83 -5.73
CA ASP A 85 1.34 -10.65 -5.68
C ASP A 85 1.89 -10.58 -7.10
N THR B 1 19.48 -15.06 -18.62
CA THR B 1 19.56 -14.17 -17.47
C THR B 1 18.18 -14.07 -16.86
N GLN B 2 18.13 -13.80 -15.55
CA GLN B 2 16.83 -13.56 -14.93
C GLN B 2 15.97 -12.52 -15.65
N LYS B 3 14.66 -12.70 -15.53
CA LYS B 3 13.70 -11.75 -16.01
C LYS B 3 13.98 -10.40 -15.33
N PRO B 4 13.84 -9.28 -16.06
CA PRO B 4 13.91 -7.96 -15.41
C PRO B 4 12.88 -7.85 -14.28
N SER B 5 13.27 -7.36 -13.10
CA SER B 5 12.37 -7.21 -11.94
C SER B 5 11.58 -5.91 -12.02
N LEU B 6 10.25 -6.01 -12.11
CA LEU B 6 9.43 -4.81 -12.24
C LEU B 6 8.90 -4.36 -10.89
N TYR B 7 8.41 -3.12 -10.88
CA TYR B 7 7.97 -2.41 -9.69
CA TYR B 7 7.95 -2.43 -9.67
C TYR B 7 6.59 -1.83 -9.90
N ARG B 8 5.70 -2.08 -8.96
CA ARG B 8 4.38 -1.48 -8.96
C ARG B 8 4.40 -0.14 -8.22
N VAL B 9 3.76 0.84 -8.83
CA VAL B 9 3.60 2.16 -8.24
C VAL B 9 2.26 2.21 -7.57
N LEU B 10 2.26 2.66 -6.31
CA LEU B 10 1.08 2.65 -5.46
C LEU B 10 0.71 4.08 -5.06
N ILE B 11 -0.58 4.34 -4.90
CA ILE B 11 -1.01 5.53 -4.17
C ILE B 11 -1.77 5.09 -2.92
N LEU B 12 -1.74 5.95 -1.91
CA LEU B 12 -2.42 5.71 -0.64
C LEU B 12 -3.58 6.68 -0.49
N ASN B 13 -4.66 6.21 0.16
CA ASN B 13 -5.77 7.10 0.42
C ASN B 13 -5.40 8.14 1.46
N ASP B 14 -6.02 9.29 1.33
CA ASP B 14 -6.01 10.26 2.39
C ASP B 14 -7.34 11.00 2.38
N ASP B 15 -7.59 11.81 3.41
CA ASP B 15 -8.88 12.49 3.55
C ASP B 15 -8.92 13.90 2.95
N TYR B 16 -7.85 14.30 2.27
CA TYR B 16 -7.66 15.66 1.82
C TYR B 16 -7.63 15.87 0.28
N THR B 17 -6.96 14.96 -0.41
CA THR B 17 -6.82 15.06 -1.86
CA THR B 17 -6.80 15.02 -1.86
C THR B 17 -8.17 14.80 -2.52
N PRO B 18 -8.59 15.71 -3.42
CA PRO B 18 -9.89 15.52 -4.09
C PRO B 18 -9.90 14.30 -5.01
N MET B 19 -11.02 13.57 -5.04
CA MET B 19 -11.24 12.49 -6.02
C MET B 19 -10.85 12.87 -7.45
N GLU B 20 -11.25 14.05 -7.91
CA GLU B 20 -10.99 14.42 -9.29
C GLU B 20 -9.49 14.63 -9.60
N PHE B 21 -8.74 15.03 -8.59
CA PHE B 21 -7.29 15.15 -8.78
C PHE B 21 -6.66 13.78 -8.93
N VAL B 22 -7.11 12.81 -8.15
CA VAL B 22 -6.60 11.45 -8.26
C VAL B 22 -6.91 10.89 -9.65
N VAL B 23 -8.13 11.09 -10.15
CA VAL B 23 -8.44 10.64 -11.51
C VAL B 23 -7.50 11.32 -12.50
N TYR B 24 -7.29 12.62 -12.34
CA TYR B 24 -6.42 13.42 -13.20
C TYR B 24 -5.00 12.82 -13.19
N VAL B 25 -4.48 12.51 -12.02
CA VAL B 25 -3.13 11.93 -11.90
C VAL B 25 -3.05 10.58 -12.62
N LEU B 26 -4.07 9.75 -12.45
CA LEU B 26 -4.09 8.44 -13.09
C LEU B 26 -4.09 8.55 -14.63
N GLU B 27 -4.88 9.48 -15.13
CA GLU B 27 -4.94 9.71 -16.57
C GLU B 27 -3.65 10.32 -17.09
N ARG B 28 -3.06 11.22 -16.30
CA ARG B 28 -1.93 12.03 -16.79
C ARG B 28 -0.61 11.25 -16.78
N PHE B 29 -0.38 10.50 -15.70
CA PHE B 29 0.91 9.86 -15.45
C PHE B 29 0.91 8.35 -15.65
N PHE B 30 -0.26 7.70 -15.70
CA PHE B 30 -0.33 6.26 -15.79
C PHE B 30 -1.15 5.74 -16.97
N ASN B 31 -1.40 6.62 -17.93
CA ASN B 31 -2.08 6.28 -19.18
C ASN B 31 -3.42 5.56 -18.98
N LYS B 32 -4.14 5.90 -17.92
CA LYS B 32 -5.41 5.22 -17.62
C LYS B 32 -6.55 5.84 -18.40
N SER B 33 -7.42 4.98 -18.92
CA SER B 33 -8.69 5.43 -19.45
C SER B 33 -9.49 6.07 -18.33
N ARG B 34 -10.51 6.83 -18.69
CA ARG B 34 -11.34 7.48 -17.69
C ARG B 34 -11.99 6.45 -16.79
N GLU B 35 -12.47 5.36 -17.37
CA GLU B 35 -13.14 4.35 -16.55
C GLU B 35 -12.14 3.68 -15.61
N ASP B 36 -10.98 3.31 -16.13
CA ASP B 36 -9.98 2.64 -15.29
C ASP B 36 -9.49 3.58 -14.20
N ALA B 37 -9.26 4.85 -14.53
CA ALA B 37 -8.80 5.84 -13.56
C ALA B 37 -9.83 5.98 -12.44
N THR B 38 -11.10 6.03 -12.83
CA THR B 38 -12.18 6.19 -11.87
C THR B 38 -12.26 4.97 -10.96
N ARG B 39 -12.13 3.77 -11.53
CA ARG B 39 -12.21 2.56 -10.69
C ARG B 39 -11.01 2.45 -9.73
N ILE B 40 -9.81 2.77 -10.20
CA ILE B 40 -8.64 2.76 -9.33
C ILE B 40 -8.81 3.79 -8.22
N MET B 41 -9.24 5.00 -8.57
CA MET B 41 -9.48 6.04 -7.56
C MET B 41 -10.44 5.56 -6.47
N LEU B 42 -11.53 4.93 -6.87
CA LEU B 42 -12.50 4.44 -5.91
C LEU B 42 -11.93 3.29 -5.10
N HIS B 43 -11.20 2.38 -5.75
CA HIS B 43 -10.59 1.26 -5.06
C HIS B 43 -9.65 1.74 -3.96
N VAL B 44 -8.89 2.79 -4.26
CA VAL B 44 -7.92 3.29 -3.28
C VAL B 44 -8.66 3.90 -2.09
N HIS B 45 -9.73 4.63 -2.34
CA HIS B 45 -10.60 5.12 -1.27
C HIS B 45 -11.13 3.98 -0.40
N GLN B 46 -11.59 2.90 -1.04
CA GLN B 46 -12.20 1.78 -0.33
C GLN B 46 -11.22 0.89 0.42
N ASN B 47 -10.05 0.68 -0.18
CA ASN B 47 -9.12 -0.29 0.38
CA ASN B 47 -9.06 -0.31 0.25
C ASN B 47 -7.89 0.34 0.99
N GLY B 48 -7.69 1.64 0.78
CA GLY B 48 -6.60 2.36 1.42
C GLY B 48 -5.34 2.51 0.56
N VAL B 49 -5.23 1.71 -0.49
CA VAL B 49 -4.06 1.61 -1.32
C VAL B 49 -4.50 1.00 -2.65
N GLY B 50 -3.80 1.32 -3.71
CA GLY B 50 -4.05 0.73 -5.02
C GLY B 50 -2.89 0.89 -5.96
N VAL B 51 -2.87 0.00 -6.95
CA VAL B 51 -1.85 -0.01 -8.00
C VAL B 51 -2.14 0.90 -9.19
N CYS B 52 -1.18 1.75 -9.51
CA CYS B 52 -1.27 2.71 -10.60
C CYS B 52 -0.66 2.20 -11.90
N GLY B 53 0.37 1.37 -11.77
CA GLY B 53 1.10 0.87 -12.93
C GLY B 53 2.30 0.05 -12.53
N VAL B 54 2.93 -0.59 -13.51
CA VAL B 54 4.09 -1.45 -13.29
C VAL B 54 5.16 -1.11 -14.32
N TYR B 55 6.38 -0.87 -13.82
CA TYR B 55 7.46 -0.35 -14.66
C TYR B 55 8.78 -0.90 -14.20
N THR B 56 9.82 -0.66 -14.99
CA THR B 56 11.15 -0.96 -14.52
C THR B 56 11.44 -0.04 -13.33
N TYR B 57 12.40 -0.43 -12.52
CA TYR B 57 12.73 0.27 -11.27
C TYR B 57 12.87 1.77 -11.44
N GLU B 58 13.71 2.19 -12.36
CA GLU B 58 14.01 3.60 -12.50
C GLU B 58 12.80 4.38 -13.07
N VAL B 59 12.01 3.76 -13.93
CA VAL B 59 10.79 4.40 -14.44
C VAL B 59 9.75 4.50 -13.31
N ALA B 60 9.63 3.46 -12.48
CA ALA B 60 8.73 3.52 -11.34
C ALA B 60 9.11 4.70 -10.42
N GLU B 61 10.41 4.86 -10.16
CA GLU B 61 10.89 5.95 -9.32
C GLU B 61 10.49 7.28 -9.97
N THR B 62 10.58 7.36 -11.29
CA THR B 62 10.28 8.59 -12.04
C THR B 62 8.80 8.92 -11.87
N LYS B 63 7.93 7.92 -12.09
CA LYS B 63 6.49 8.12 -11.89
C LYS B 63 6.12 8.55 -10.46
N VAL B 64 6.71 7.89 -9.45
CA VAL B 64 6.47 8.26 -8.08
C VAL B 64 6.79 9.74 -7.88
N ALA B 65 7.98 10.14 -8.34
CA ALA B 65 8.45 11.51 -8.19
C ALA B 65 7.53 12.48 -8.90
N GLN B 66 7.11 12.12 -10.11
CA GLN B 66 6.23 13.00 -10.90
C GLN B 66 4.89 13.20 -10.21
N VAL B 67 4.36 12.16 -9.59
CA VAL B 67 3.11 12.27 -8.86
C VAL B 67 3.27 13.16 -7.62
N ILE B 68 4.34 12.96 -6.85
CA ILE B 68 4.51 13.77 -5.65
CA ILE B 68 4.54 13.79 -5.65
C ILE B 68 4.69 15.25 -6.03
N ASP B 69 5.53 15.52 -7.02
CA ASP B 69 5.75 16.88 -7.52
C ASP B 69 4.39 17.51 -7.96
N SER B 70 3.62 16.79 -8.77
CA SER B 70 2.34 17.30 -9.22
C SER B 70 1.43 17.54 -8.03
N ALA B 71 1.32 16.55 -7.13
CA ALA B 71 0.41 16.69 -6.02
C ALA B 71 0.74 17.91 -5.16
N ARG B 72 1.99 18.06 -4.78
CA ARG B 72 2.33 19.20 -3.91
C ARG B 72 2.15 20.53 -4.63
N ARG B 73 2.46 20.62 -5.92
CA ARG B 73 2.23 21.87 -6.65
C ARG B 73 0.73 22.18 -6.81
N HIS B 74 -0.11 21.16 -6.61
CA HIS B 74 -1.56 21.34 -6.59
C HIS B 74 -2.08 21.40 -5.13
N GLN B 75 -1.15 21.57 -4.19
CA GLN B 75 -1.52 21.77 -2.81
CA GLN B 75 -1.44 21.70 -2.75
C GLN B 75 -2.25 20.55 -2.18
N HIS B 76 -1.88 19.34 -2.58
CA HIS B 76 -2.49 18.12 -2.03
C HIS B 76 -1.41 17.20 -1.44
N PRO B 77 -1.74 16.45 -0.37
CA PRO B 77 -0.76 15.64 0.36
C PRO B 77 -0.66 14.21 -0.16
N LEU B 78 -1.27 13.96 -1.30
CA LEU B 78 -1.25 12.62 -1.93
C LEU B 78 0.10 11.92 -1.80
N GLN B 79 0.07 10.72 -1.19
CA GLN B 79 1.26 9.88 -1.00
C GLN B 79 1.33 8.81 -2.09
N CYS B 80 2.52 8.63 -2.63
CA CYS B 80 2.82 7.75 -3.74
C CYS B 80 4.15 7.06 -3.43
N THR B 81 4.18 5.77 -3.67
CA THR B 81 5.35 4.97 -3.37
C THR B 81 5.43 3.80 -4.38
N MET B 82 6.37 2.89 -4.19
CA MET B 82 6.56 1.77 -5.11
C MET B 82 7.04 0.54 -4.32
N GLU B 83 6.74 -0.63 -4.84
CA GLU B 83 7.13 -1.91 -4.24
C GLU B 83 7.50 -2.84 -5.38
N LYS B 84 8.39 -3.79 -5.14
CA LYS B 84 8.66 -4.81 -6.15
C LYS B 84 7.33 -5.45 -6.55
N ASP B 85 7.15 -5.69 -7.85
CA ASP B 85 5.89 -6.23 -8.33
C ASP B 85 5.81 -7.74 -8.09
N TRP C 1 3.26 5.66 12.15
CA TRP C 1 2.92 5.09 13.47
C TRP C 1 3.07 6.16 14.52
N LEU C 2 2.65 5.81 15.73
CA LEU C 2 3.00 6.52 16.96
C LEU C 2 4.32 6.01 17.66
N PHE C 3 5.26 6.94 17.86
CA PHE C 3 6.52 6.57 18.51
C PHE C 3 6.44 6.72 20.04
N TRP D 1 -10.50 9.81 0.11
CA TRP D 1 -10.35 11.14 -0.56
C TRP D 1 -11.25 12.17 0.11
N LEU D 2 -11.10 13.42 -0.30
CA LEU D 2 -11.79 14.55 0.36
C LEU D 2 -13.31 14.35 0.35
N PHE D 3 -13.92 14.58 1.51
CA PHE D 3 -15.37 14.49 1.65
C PHE D 3 -16.11 15.47 0.75
#